data_4TWM
#
_entry.id   4TWM
#
_cell.length_a   83.470
_cell.length_b   156.770
_cell.length_c   83.560
_cell.angle_alpha   90.00
_cell.angle_beta   90.00
_cell.angle_gamma   90.00
#
_symmetry.space_group_name_H-M   'C 2 2 21'
#
loop_
_entity.id
_entity.type
_entity.pdbx_description
1 polymer 'Dioscorin 5'
2 non-polymer 'SULFATE ION'
3 water water
#
_entity_poly.entity_id   1
_entity_poly.type   'polypeptide(L)'
_entity_poly.pdbx_seq_one_letter_code
;VEDEFSYIDGNPNGPENWGNLKPEWETCGKGMEQSPIQLRDNRVIFDQTLGKLRRNYRAVDARLRNSGHDVLVDFKGNAG
SLSINRVEYQLKRIHFHSPSEHEMNGERFDLEAQLVHESQDQKRAVVSILFRFGRADPFLSDLEDFIKQFSNSQKNEINA
GVVDPNQLQIDDSAYYRYMGSFTAPPCTEGISWTVMRKVATVSPRQVLLLKQAVNENAINNARPLQPTNFRSVFYFEQLK
SKLGVI
;
_entity_poly.pdbx_strand_id   A,B
#
# COMPACT_ATOMS: atom_id res chain seq x y z
N ASP A 3 -23.21 1.34 -7.65
CA ASP A 3 -23.77 1.32 -6.26
C ASP A 3 -23.43 0.03 -5.50
N GLU A 4 -23.37 -1.07 -6.21
CA GLU A 4 -23.37 -2.39 -5.59
C GLU A 4 -22.37 -3.32 -6.26
N PHE A 5 -21.08 -3.08 -6.01
CA PHE A 5 -20.03 -3.95 -6.55
C PHE A 5 -18.88 -3.90 -5.57
N SER A 6 -18.05 -4.94 -5.46
CA SER A 6 -16.94 -4.86 -4.45
C SER A 6 -15.54 -4.96 -5.15
N TYR A 7 -14.45 -4.64 -4.44
CA TYR A 7 -13.13 -4.91 -5.01
C TYR A 7 -12.45 -6.16 -4.44
N ILE A 8 -13.19 -6.97 -3.68
CA ILE A 8 -12.57 -8.10 -2.95
C ILE A 8 -12.60 -9.33 -3.80
N ASP A 9 -11.39 -9.77 -4.20
CA ASP A 9 -11.16 -10.92 -5.08
C ASP A 9 -11.80 -12.08 -4.41
N GLY A 10 -12.58 -12.85 -5.16
CA GLY A 10 -13.26 -13.97 -4.54
C GLY A 10 -14.51 -13.69 -3.72
N ASN A 11 -15.00 -12.45 -3.72
CA ASN A 11 -16.34 -12.22 -3.19
C ASN A 11 -17.37 -12.35 -4.30
N PRO A 12 -18.65 -12.68 -3.95
CA PRO A 12 -19.72 -12.73 -4.99
C PRO A 12 -19.85 -11.49 -5.92
N ASN A 13 -19.59 -10.31 -5.38
CA ASN A 13 -19.65 -9.00 -6.06
C ASN A 13 -18.29 -8.44 -6.51
N GLY A 14 -17.25 -9.23 -6.32
CA GLY A 14 -15.89 -8.77 -6.57
C GLY A 14 -15.65 -8.74 -8.07
N PRO A 15 -14.46 -8.26 -8.50
CA PRO A 15 -14.23 -7.82 -9.87
C PRO A 15 -14.42 -8.89 -10.90
N GLU A 16 -14.06 -10.11 -10.56
CA GLU A 16 -14.19 -11.21 -11.52
C GLU A 16 -15.68 -11.56 -11.83
N ASN A 17 -16.58 -11.14 -10.93
CA ASN A 17 -18.04 -11.32 -11.13
C ASN A 17 -18.84 -10.08 -11.57
N TRP A 18 -18.22 -8.90 -11.55
CA TRP A 18 -18.95 -7.66 -11.94
C TRP A 18 -19.83 -7.91 -13.14
N GLY A 19 -19.31 -8.59 -14.16
CA GLY A 19 -20.05 -8.82 -15.37
C GLY A 19 -21.35 -9.61 -15.15
N ASN A 20 -21.42 -10.44 -14.10
CA ASN A 20 -22.60 -11.27 -13.83
C ASN A 20 -23.58 -10.67 -12.80
N LEU A 21 -23.27 -9.52 -12.23
CA LEU A 21 -24.12 -9.01 -11.19
C LEU A 21 -25.42 -8.37 -11.78
N LYS A 22 -25.35 -7.78 -12.98
CA LYS A 22 -26.57 -7.20 -13.55
C LYS A 22 -26.35 -6.97 -15.01
N PRO A 23 -27.41 -7.13 -15.80
CA PRO A 23 -27.27 -7.01 -17.24
C PRO A 23 -26.59 -5.72 -17.67
N GLU A 24 -26.79 -4.62 -16.99
CA GLU A 24 -26.16 -3.35 -17.39
C GLU A 24 -24.60 -3.39 -17.34
N TRP A 25 -24.04 -4.42 -16.67
CA TRP A 25 -22.62 -4.51 -16.31
C TRP A 25 -21.94 -5.57 -17.09
N GLU A 26 -22.68 -6.13 -18.05
CA GLU A 26 -22.20 -7.28 -18.79
C GLU A 26 -20.81 -7.09 -19.45
N THR A 27 -20.56 -5.89 -19.97
CA THR A 27 -19.32 -5.66 -20.71
C THR A 27 -18.10 -5.82 -19.78
N CYS A 28 -18.30 -5.62 -18.48
CA CYS A 28 -17.25 -5.84 -17.51
C CYS A 28 -16.74 -7.25 -17.73
N GLY A 29 -17.67 -8.14 -18.08
CA GLY A 29 -17.32 -9.54 -18.11
C GLY A 29 -16.99 -9.94 -19.51
N LYS A 30 -17.68 -9.39 -20.48
CA LYS A 30 -17.58 -9.87 -21.86
C LYS A 30 -16.71 -9.06 -22.79
N GLY A 31 -16.45 -7.79 -22.48
CA GLY A 31 -15.69 -6.96 -23.40
C GLY A 31 -14.25 -7.41 -23.52
N MET A 32 -13.67 -7.19 -24.67
CA MET A 32 -12.25 -7.51 -24.95
C MET A 32 -11.29 -6.29 -25.06
N GLU A 33 -11.78 -5.08 -24.73
CA GLU A 33 -10.94 -3.88 -24.59
C GLU A 33 -11.16 -3.22 -23.26
N GLN A 34 -10.98 -4.00 -22.21
CA GLN A 34 -11.19 -3.54 -20.88
C GLN A 34 -9.89 -2.93 -20.31
N SER A 35 -10.06 -2.05 -19.33
CA SER A 35 -8.93 -1.40 -18.63
C SER A 35 -9.09 -1.78 -17.18
N PRO A 36 -8.00 -1.68 -16.38
CA PRO A 36 -6.68 -1.20 -16.82
C PRO A 36 -5.90 -2.32 -17.51
N ILE A 37 -4.73 -1.96 -18.11
CA ILE A 37 -3.86 -2.98 -18.69
C ILE A 37 -2.44 -2.81 -18.16
N GLN A 38 -1.61 -3.83 -18.37
CA GLN A 38 -0.19 -3.69 -18.11
C GLN A 38 0.35 -2.70 -19.19
N LEU A 39 1.20 -1.77 -18.85
CA LEU A 39 1.91 -1.01 -19.91
C LEU A 39 3.39 -1.49 -20.04
N ARG A 40 3.76 -2.08 -21.18
CA ARG A 40 5.08 -2.73 -21.36
C ARG A 40 5.87 -1.98 -22.39
N ASP A 41 6.99 -1.34 -22.01
CA ASP A 41 7.81 -0.57 -23.00
C ASP A 41 8.23 -1.44 -24.18
N ASN A 42 8.58 -2.69 -23.94
CA ASN A 42 8.95 -3.59 -25.03
C ASN A 42 7.82 -4.04 -26.02
N ARG A 43 6.57 -3.56 -25.83
CA ARG A 43 5.49 -3.85 -26.76
C ARG A 43 4.76 -2.63 -27.33
N VAL A 44 5.23 -1.42 -26.99
CA VAL A 44 4.64 -0.20 -27.53
C VAL A 44 4.98 0.15 -28.99
N ILE A 45 4.10 0.90 -29.62
CA ILE A 45 4.33 1.43 -30.95
C ILE A 45 4.69 2.90 -30.82
N PHE A 46 5.88 3.31 -31.28
CA PHE A 46 6.24 4.76 -31.16
C PHE A 46 5.47 5.57 -32.18
N ASP A 47 4.94 6.70 -31.75
CA ASP A 47 4.23 7.52 -32.71
C ASP A 47 4.53 8.98 -32.38
N GLN A 48 5.58 9.55 -33.00
CA GLN A 48 5.99 10.94 -32.68
C GLN A 48 4.93 11.96 -33.14
N THR A 49 4.03 11.51 -33.99
CA THR A 49 2.96 12.32 -34.55
C THR A 49 1.88 12.64 -33.50
N LEU A 50 1.88 11.88 -32.39
CA LEU A 50 1.00 12.18 -31.24
C LEU A 50 1.22 13.59 -30.60
N GLY A 51 2.47 14.01 -30.42
CA GLY A 51 2.74 15.36 -29.87
C GLY A 51 2.72 15.38 -28.34
N LYS A 52 3.39 16.39 -27.75
CA LYS A 52 3.14 16.58 -26.33
C LYS A 52 1.62 16.79 -26.10
N LEU A 53 1.18 16.33 -24.96
CA LEU A 53 -0.23 16.35 -24.65
C LEU A 53 -0.68 17.82 -24.66
N ARG A 54 -1.83 18.11 -25.25
CA ARG A 54 -2.31 19.48 -25.31
C ARG A 54 -3.56 19.73 -24.43
N ARG A 55 -3.32 20.37 -23.30
CA ARG A 55 -4.34 20.65 -22.29
C ARG A 55 -4.57 22.17 -22.15
N ASN A 56 -5.83 22.54 -22.03
CA ASN A 56 -6.23 23.93 -21.73
C ASN A 56 -7.22 23.89 -20.55
N TYR A 57 -6.72 23.78 -19.35
CA TYR A 57 -7.55 23.61 -18.17
C TYR A 57 -7.78 24.93 -17.42
N ARG A 58 -8.95 25.09 -16.84
CA ARG A 58 -9.38 26.31 -16.13
C ARG A 58 -9.65 25.95 -14.68
N ALA A 59 -9.23 26.79 -13.74
CA ALA A 59 -9.68 26.67 -12.33
C ALA A 59 -11.17 27.04 -12.27
N VAL A 60 -12.02 26.12 -11.80
CA VAL A 60 -13.45 26.39 -11.62
C VAL A 60 -13.90 25.88 -10.26
N ASP A 61 -15.15 26.20 -9.93
CA ASP A 61 -15.75 25.72 -8.69
C ASP A 61 -15.99 24.21 -8.80
N ALA A 62 -15.85 23.49 -7.69
CA ALA A 62 -16.10 22.04 -7.76
C ALA A 62 -16.72 21.46 -6.52
N ARG A 63 -17.27 20.26 -6.66
CA ARG A 63 -17.68 19.44 -5.54
C ARG A 63 -16.85 18.15 -5.39
N LEU A 64 -16.47 17.87 -4.16
CA LEU A 64 -15.96 16.58 -3.80
C LEU A 64 -17.13 15.63 -3.63
N ARG A 65 -17.04 14.48 -4.28
CA ARG A 65 -18.04 13.47 -4.09
C ARG A 65 -17.43 12.15 -3.65
N ASN A 66 -18.16 11.44 -2.80
CA ASN A 66 -17.70 10.15 -2.34
C ASN A 66 -18.77 9.14 -2.70
N SER A 67 -18.50 8.35 -3.73
CA SER A 67 -19.47 7.39 -4.25
C SER A 67 -19.56 6.23 -3.31
N GLY A 68 -18.85 6.27 -2.21
CA GLY A 68 -18.65 5.04 -1.40
C GLY A 68 -17.55 4.08 -1.92
N HIS A 69 -17.17 4.12 -3.20
CA HIS A 69 -15.98 3.31 -3.57
C HIS A 69 -14.78 4.06 -4.09
N ASP A 70 -14.95 5.36 -4.23
CA ASP A 70 -13.88 6.28 -4.64
C ASP A 70 -14.31 7.69 -4.23
N VAL A 71 -13.35 8.59 -4.19
CA VAL A 71 -13.58 10.00 -4.11
C VAL A 71 -13.20 10.59 -5.47
N LEU A 72 -14.04 11.50 -5.94
CA LEU A 72 -13.84 12.16 -7.19
C LEU A 72 -14.03 13.65 -6.99
N VAL A 73 -13.38 14.47 -7.81
CA VAL A 73 -13.66 15.88 -7.92
C VAL A 73 -14.60 15.98 -9.12
N ASP A 74 -15.65 16.80 -8.95
CA ASP A 74 -16.69 16.94 -9.93
C ASP A 74 -16.86 18.43 -10.20
N PHE A 75 -16.26 18.91 -11.29
CA PHE A 75 -16.25 20.35 -11.62
C PHE A 75 -17.62 20.94 -11.99
N LYS A 76 -18.01 22.05 -11.36
CA LYS A 76 -19.32 22.63 -11.79
C LYS A 76 -19.19 23.33 -13.14
N GLY A 77 -18.35 24.35 -13.21
CA GLY A 77 -18.15 25.05 -14.47
C GLY A 77 -17.31 24.33 -15.52
N ASN A 78 -16.91 25.09 -16.52
CA ASN A 78 -16.06 24.58 -17.55
C ASN A 78 -14.61 24.61 -17.01
N ALA A 79 -14.12 23.44 -16.58
CA ALA A 79 -12.74 23.27 -16.09
C ALA A 79 -11.71 23.28 -17.23
N GLY A 80 -12.18 23.58 -18.44
CA GLY A 80 -11.31 23.56 -19.62
C GLY A 80 -11.34 22.23 -20.32
N SER A 81 -10.27 21.92 -21.06
CA SER A 81 -10.38 20.89 -22.05
C SER A 81 -9.01 20.28 -22.44
N LEU A 82 -9.08 19.09 -23.03
CA LEU A 82 -7.93 18.33 -23.49
C LEU A 82 -8.21 18.27 -24.97
N SER A 83 -7.20 18.59 -25.78
CA SER A 83 -7.37 18.34 -27.22
C SER A 83 -6.56 17.15 -27.74
N ILE A 84 -7.20 16.27 -28.53
CA ILE A 84 -6.55 15.14 -29.21
C ILE A 84 -7.00 15.14 -30.67
N ASN A 85 -6.07 15.33 -31.59
CA ASN A 85 -6.38 15.55 -33.03
C ASN A 85 -7.47 16.58 -33.26
N ARG A 86 -7.31 17.74 -32.65
CA ARG A 86 -8.31 18.83 -32.70
C ARG A 86 -9.74 18.55 -32.23
N VAL A 87 -10.08 17.29 -31.93
CA VAL A 87 -11.27 16.99 -31.13
C VAL A 87 -11.02 17.55 -29.73
N GLU A 88 -12.02 18.19 -29.14
CA GLU A 88 -11.88 18.84 -27.86
C GLU A 88 -12.71 18.09 -26.80
N TYR A 89 -12.08 17.63 -25.71
CA TYR A 89 -12.78 16.86 -24.67
C TYR A 89 -12.82 17.68 -23.44
N GLN A 90 -14.00 17.99 -22.92
CA GLN A 90 -14.04 18.79 -21.67
C GLN A 90 -13.70 18.00 -20.44
N LEU A 91 -12.83 18.56 -19.58
CA LEU A 91 -12.55 18.00 -18.29
C LEU A 91 -13.74 18.05 -17.33
N LYS A 92 -14.27 16.88 -16.90
CA LYS A 92 -15.52 16.77 -16.12
C LYS A 92 -15.30 16.33 -14.68
N ARG A 93 -14.48 15.27 -14.51
CA ARG A 93 -14.30 14.58 -13.26
C ARG A 93 -12.86 14.02 -13.09
N ILE A 94 -12.42 13.87 -11.85
CA ILE A 94 -11.14 13.28 -11.52
C ILE A 94 -11.41 12.30 -10.40
N HIS A 95 -11.26 11.00 -10.72
CA HIS A 95 -11.33 9.86 -9.76
C HIS A 95 -10.01 9.43 -9.18
N PHE A 96 -10.04 8.98 -7.92
CA PHE A 96 -8.84 8.59 -7.21
C PHE A 96 -8.89 7.06 -6.86
N HIS A 97 -7.84 6.32 -7.24
CA HIS A 97 -7.70 4.87 -6.92
C HIS A 97 -6.45 4.61 -6.18
N SER A 98 -6.57 3.78 -5.15
CA SER A 98 -5.43 3.42 -4.37
C SER A 98 -5.56 1.96 -4.12
N PRO A 99 -4.54 1.10 -4.47
CA PRO A 99 -3.31 1.40 -5.25
C PRO A 99 -3.66 1.73 -6.72
N SER A 100 -2.63 1.95 -7.57
CA SER A 100 -2.94 2.22 -8.99
C SER A 100 -3.63 1.07 -9.60
N GLU A 101 -4.34 1.31 -10.70
CA GLU A 101 -4.95 0.25 -11.49
C GLU A 101 -4.04 -0.15 -12.66
N HIS A 102 -3.52 0.82 -13.43
CA HIS A 102 -2.49 0.57 -14.45
C HIS A 102 -1.17 0.22 -13.80
N GLU A 103 -0.46 -0.67 -14.47
CA GLU A 103 0.94 -0.97 -14.08
C GLU A 103 1.86 -0.47 -15.24
N MET A 104 3.12 -0.10 -14.91
CA MET A 104 4.13 0.23 -15.89
C MET A 104 5.31 -0.71 -15.67
N ASN A 105 5.57 -1.51 -16.68
CA ASN A 105 6.60 -2.54 -16.62
C ASN A 105 6.50 -3.43 -15.42
N GLY A 106 5.29 -3.85 -15.09
CA GLY A 106 5.14 -4.73 -13.93
C GLY A 106 5.14 -4.00 -12.60
N GLU A 107 5.21 -2.68 -12.56
CA GLU A 107 5.18 -1.97 -11.26
C GLU A 107 3.78 -1.34 -10.99
N ARG A 108 3.25 -1.60 -9.82
CA ARG A 108 1.99 -1.03 -9.41
C ARG A 108 2.40 0.13 -8.51
N PHE A 109 1.67 1.21 -8.64
CA PHE A 109 1.95 2.48 -7.92
C PHE A 109 1.02 2.75 -6.71
N ASP A 110 1.33 3.80 -5.95
CA ASP A 110 0.60 3.99 -4.70
C ASP A 110 -0.77 4.65 -4.90
N LEU A 111 -0.95 5.40 -5.98
CA LEU A 111 -2.26 6.03 -6.20
C LEU A 111 -2.32 6.23 -7.68
N GLU A 112 -3.51 6.29 -8.25
CA GLU A 112 -3.71 6.75 -9.63
C GLU A 112 -4.89 7.76 -9.69
N ALA A 113 -4.71 8.90 -10.33
CA ALA A 113 -5.79 9.87 -10.53
C ALA A 113 -6.24 9.75 -11.93
N GLN A 114 -7.55 9.69 -12.15
CA GLN A 114 -8.07 9.54 -13.47
C GLN A 114 -8.99 10.70 -13.89
N LEU A 115 -8.53 11.47 -14.88
CA LEU A 115 -9.21 12.68 -15.37
C LEU A 115 -10.15 12.31 -16.51
N VAL A 116 -11.45 12.41 -16.24
CA VAL A 116 -12.46 11.97 -17.21
C VAL A 116 -12.90 13.20 -18.01
N HIS A 117 -12.79 13.13 -19.34
CA HIS A 117 -13.11 14.21 -20.26
C HIS A 117 -14.12 13.67 -21.23
N GLU A 118 -14.91 14.59 -21.79
CA GLU A 118 -16.03 14.21 -22.72
C GLU A 118 -16.16 15.27 -23.82
N SER A 119 -16.30 14.86 -25.06
CA SER A 119 -16.48 15.83 -26.13
C SER A 119 -17.99 16.11 -26.29
N GLN A 120 -18.35 17.07 -27.15
CA GLN A 120 -19.76 17.32 -27.45
C GLN A 120 -20.43 16.07 -28.04
N ASP A 121 -19.66 15.26 -28.77
CA ASP A 121 -20.10 14.03 -29.46
C ASP A 121 -20.27 12.86 -28.47
N GLN A 122 -20.21 13.19 -27.19
CA GLN A 122 -20.06 12.22 -26.08
C GLN A 122 -18.89 11.20 -26.23
N LYS A 123 -17.81 11.57 -26.93
CA LYS A 123 -16.61 10.70 -26.98
C LYS A 123 -15.85 10.92 -25.65
N ARG A 124 -15.32 9.84 -25.06
CA ARG A 124 -14.60 9.93 -23.77
C ARG A 124 -13.05 9.77 -23.88
N ALA A 125 -12.31 10.49 -23.05
CA ALA A 125 -10.86 10.41 -23.00
C ALA A 125 -10.53 10.53 -21.54
N VAL A 126 -9.66 9.63 -21.05
CA VAL A 126 -9.20 9.63 -19.69
C VAL A 126 -7.72 9.88 -19.77
N VAL A 127 -7.18 10.69 -18.86
CA VAL A 127 -5.75 10.92 -18.69
C VAL A 127 -5.43 10.49 -17.26
N SER A 128 -4.47 9.54 -17.07
CA SER A 128 -4.13 8.99 -15.71
C SER A 128 -2.81 9.54 -15.29
N ILE A 129 -2.66 9.75 -13.95
CA ILE A 129 -1.41 10.10 -13.34
C ILE A 129 -1.16 9.01 -12.31
N LEU A 130 0.07 8.49 -12.32
CA LEU A 130 0.52 7.46 -11.43
C LEU A 130 1.38 8.11 -10.40
N PHE A 131 1.22 7.71 -9.14
CA PHE A 131 1.96 8.36 -8.04
C PHE A 131 2.70 7.31 -7.23
N ARG A 132 3.91 7.68 -6.79
CA ARG A 132 4.63 7.03 -5.71
C ARG A 132 4.63 7.92 -4.46
N PHE A 133 4.73 7.28 -3.28
CA PHE A 133 4.88 8.02 -2.03
C PHE A 133 6.13 8.92 -2.07
N GLY A 134 6.01 10.13 -1.52
CA GLY A 134 7.08 11.13 -1.64
C GLY A 134 6.43 12.38 -1.13
N ARG A 135 6.85 13.48 -1.74
CA ARG A 135 6.40 14.82 -1.44
C ARG A 135 4.92 14.95 -1.70
N ALA A 136 4.24 15.73 -0.87
CA ALA A 136 2.80 15.89 -1.00
C ALA A 136 2.36 16.33 -2.41
N ASP A 137 1.24 15.79 -2.86
CA ASP A 137 0.65 16.26 -4.10
C ASP A 137 0.03 17.65 -3.86
N PRO A 138 0.42 18.68 -4.66
CA PRO A 138 -0.12 20.07 -4.54
C PRO A 138 -1.64 20.17 -4.73
N PHE A 139 -2.19 19.48 -5.74
CA PHE A 139 -3.64 19.37 -5.94
C PHE A 139 -4.43 18.83 -4.74
N LEU A 140 -4.00 17.67 -4.17
CA LEU A 140 -4.73 17.04 -3.08
C LEU A 140 -4.51 17.81 -1.79
N SER A 141 -3.45 18.61 -1.74
CA SER A 141 -3.22 19.47 -0.57
C SER A 141 -4.39 20.40 -0.33
N ASP A 142 -4.84 21.06 -1.38
CA ASP A 142 -5.93 22.02 -1.28
C ASP A 142 -7.24 21.32 -0.99
N LEU A 143 -7.23 19.99 -1.12
CA LEU A 143 -8.46 19.24 -1.00
C LEU A 143 -8.59 18.42 0.30
N GLU A 144 -7.51 18.35 1.08
CA GLU A 144 -7.41 17.44 2.20
C GLU A 144 -8.41 17.64 3.33
N ASP A 145 -8.72 18.89 3.62
CA ASP A 145 -9.66 19.11 4.70
C ASP A 145 -11.06 18.73 4.29
N PHE A 146 -11.40 18.94 3.00
CA PHE A 146 -12.70 18.46 2.50
C PHE A 146 -12.79 16.93 2.52
N ILE A 147 -11.67 16.27 2.18
CA ILE A 147 -11.62 14.83 2.12
C ILE A 147 -11.79 14.20 3.54
N LYS A 148 -11.16 14.82 4.54
CA LYS A 148 -11.22 14.42 5.96
C LYS A 148 -12.67 14.34 6.49
N GLN A 149 -13.53 15.25 6.02
CA GLN A 149 -14.97 15.28 6.36
C GLN A 149 -15.69 13.97 6.07
N PHE A 150 -15.40 13.36 4.92
CA PHE A 150 -16.02 12.09 4.54
C PHE A 150 -15.82 11.00 5.58
N SER A 151 -14.84 11.21 6.46
CA SER A 151 -14.23 10.14 7.28
C SER A 151 -14.99 9.57 8.51
N ASN A 152 -16.07 10.25 8.92
CA ASN A 152 -17.11 9.61 9.75
C ASN A 152 -18.51 10.06 9.36
N SER A 153 -18.61 11.30 8.85
CA SER A 153 -19.87 11.98 8.61
C SER A 153 -20.55 11.39 7.43
N GLN A 154 -21.87 11.62 7.34
CA GLN A 154 -22.74 11.00 6.34
C GLN A 154 -22.76 11.77 5.01
N LYS A 155 -22.13 12.94 5.04
CA LYS A 155 -21.96 13.78 3.86
C LYS A 155 -21.25 12.96 2.81
N ASN A 156 -21.79 12.91 1.62
CA ASN A 156 -21.00 12.41 0.52
C ASN A 156 -20.95 13.33 -0.70
N GLU A 157 -21.29 14.59 -0.46
CA GLU A 157 -21.00 15.71 -1.39
C GLU A 157 -20.58 16.94 -0.60
N ILE A 158 -19.42 17.50 -0.92
CA ILE A 158 -18.87 18.65 -0.18
C ILE A 158 -18.44 19.68 -1.20
N ASN A 159 -18.76 20.94 -0.94
CA ASN A 159 -18.32 22.03 -1.81
C ASN A 159 -16.89 22.35 -1.53
N ALA A 160 -16.03 22.04 -2.50
CA ALA A 160 -14.59 22.20 -2.29
C ALA A 160 -14.13 23.57 -2.73
N GLY A 161 -15.05 24.32 -3.32
CA GLY A 161 -14.77 25.67 -3.71
C GLY A 161 -14.19 25.64 -5.10
N VAL A 162 -13.41 26.66 -5.44
CA VAL A 162 -12.77 26.69 -6.74
C VAL A 162 -11.58 25.74 -6.70
N VAL A 163 -11.51 24.85 -7.68
CA VAL A 163 -10.47 23.84 -7.70
C VAL A 163 -9.68 24.03 -8.97
N ASP A 164 -8.36 23.99 -8.83
CA ASP A 164 -7.50 24.25 -9.98
C ASP A 164 -6.82 23.00 -10.62
N PRO A 165 -7.29 22.55 -11.78
CA PRO A 165 -6.65 21.40 -12.46
C PRO A 165 -5.15 21.59 -12.85
N ASN A 166 -4.65 22.82 -12.89
CA ASN A 166 -3.23 23.06 -13.20
C ASN A 166 -2.26 22.90 -12.03
N GLN A 167 -2.76 22.63 -10.84
CA GLN A 167 -1.97 22.09 -9.73
C GLN A 167 -1.55 20.61 -9.95
N LEU A 168 -2.27 19.89 -10.85
CA LEU A 168 -1.98 18.45 -11.08
C LEU A 168 -0.57 18.24 -11.63
N GLN A 169 0.13 17.21 -11.14
CA GLN A 169 1.48 16.86 -11.68
C GLN A 169 1.40 16.13 -12.99
N ILE A 170 1.29 16.89 -14.05
CA ILE A 170 1.15 16.30 -15.35
C ILE A 170 2.31 16.82 -16.19
N ASP A 171 3.14 15.91 -16.67
CA ASP A 171 4.22 16.25 -17.57
C ASP A 171 3.81 15.84 -18.98
N ASP A 172 3.55 16.82 -19.83
CA ASP A 172 2.99 16.54 -21.13
C ASP A 172 3.96 15.93 -22.15
N SER A 173 5.25 15.83 -21.79
CA SER A 173 6.25 15.39 -22.79
C SER A 173 6.28 13.84 -23.08
N ALA A 174 5.54 13.00 -22.33
CA ALA A 174 5.59 11.56 -22.64
C ALA A 174 4.42 10.78 -22.05
N TYR A 175 3.81 9.93 -22.86
CA TYR A 175 2.62 9.16 -22.41
C TYR A 175 2.38 7.95 -23.28
N TYR A 176 1.70 6.97 -22.67
CA TYR A 176 1.05 5.90 -23.38
C TYR A 176 -0.36 6.28 -23.89
N ARG A 177 -0.79 5.62 -24.95
CA ARG A 177 -2.06 5.95 -25.63
C ARG A 177 -2.65 4.62 -26.11
N TYR A 178 -3.87 4.28 -25.71
CA TYR A 178 -4.51 3.02 -26.14
C TYR A 178 -6.01 3.14 -25.95
N MET A 179 -6.77 2.20 -26.50
CA MET A 179 -8.26 2.23 -26.37
C MET A 179 -8.70 1.19 -25.37
N GLY A 180 -9.53 1.59 -24.41
CA GLY A 180 -9.84 0.78 -23.30
C GLY A 180 -11.25 1.04 -22.87
N SER A 181 -11.47 1.06 -21.54
CA SER A 181 -12.82 1.00 -20.98
C SER A 181 -12.76 1.74 -19.65
N PHE A 182 -13.93 2.07 -19.09
CA PHE A 182 -14.01 2.49 -17.73
C PHE A 182 -13.56 1.32 -16.89
N THR A 183 -13.03 1.63 -15.70
CA THR A 183 -12.42 0.64 -14.80
C THR A 183 -13.35 0.33 -13.62
N ALA A 184 -14.61 0.75 -13.74
CA ALA A 184 -15.65 0.39 -12.77
C ALA A 184 -16.92 0.16 -13.55
N PRO A 185 -17.88 -0.64 -13.03
CA PRO A 185 -19.04 -0.84 -13.92
C PRO A 185 -19.70 0.48 -14.32
N PRO A 186 -20.27 0.58 -15.50
CA PRO A 186 -20.58 -0.48 -16.49
C PRO A 186 -19.42 -0.88 -17.40
N CYS A 187 -18.23 -0.38 -17.15
CA CYS A 187 -17.06 -0.85 -17.91
C CYS A 187 -17.20 -0.62 -19.40
N THR A 188 -17.88 0.47 -19.79
CA THR A 188 -18.12 0.77 -21.18
C THR A 188 -16.78 1.01 -21.93
N GLU A 189 -16.70 0.51 -23.15
CA GLU A 189 -15.49 0.60 -23.99
C GLU A 189 -15.58 1.84 -24.93
N GLY A 190 -14.62 1.99 -25.85
CA GLY A 190 -14.55 3.23 -26.67
C GLY A 190 -13.86 4.37 -25.91
N ILE A 191 -13.17 4.08 -24.80
CA ILE A 191 -12.56 5.12 -24.04
C ILE A 191 -11.09 5.28 -24.49
N SER A 192 -10.74 6.50 -24.86
CA SER A 192 -9.31 6.80 -25.13
C SER A 192 -8.56 7.03 -23.82
N TRP A 193 -7.51 6.23 -23.60
CA TRP A 193 -6.73 6.37 -22.40
C TRP A 193 -5.39 6.97 -22.79
N THR A 194 -4.95 7.87 -21.95
CA THR A 194 -3.63 8.44 -21.99
C THR A 194 -3.08 8.22 -20.58
N VAL A 195 -1.93 7.51 -20.45
CA VAL A 195 -1.31 7.34 -19.17
C VAL A 195 0.05 8.08 -19.21
N MET A 196 0.25 9.04 -18.31
CA MET A 196 1.44 9.88 -18.30
C MET A 196 2.66 9.08 -17.90
N ARG A 197 3.73 9.16 -18.69
CA ARG A 197 4.95 8.40 -18.34
C ARG A 197 5.60 8.84 -17.05
N LYS A 198 5.69 10.14 -16.85
CA LYS A 198 6.28 10.69 -15.57
C LYS A 198 5.41 10.46 -14.33
N VAL A 199 5.99 9.80 -13.33
CA VAL A 199 5.32 9.42 -12.13
C VAL A 199 5.35 10.53 -11.08
N ALA A 200 4.24 10.76 -10.38
CA ALA A 200 4.08 11.93 -9.51
C ALA A 200 4.36 11.50 -8.12
N THR A 201 4.44 12.45 -7.19
CA THR A 201 4.46 12.04 -5.82
C THR A 201 3.19 12.43 -5.02
N VAL A 202 2.90 11.64 -4.00
CA VAL A 202 1.76 11.89 -3.11
C VAL A 202 2.25 11.49 -1.74
N SER A 203 1.74 12.09 -0.67
CA SER A 203 2.20 11.71 0.65
C SER A 203 1.31 10.61 1.20
N PRO A 204 1.86 9.84 2.12
CA PRO A 204 1.16 8.75 2.76
C PRO A 204 -0.10 9.21 3.45
N ARG A 205 -0.04 10.40 4.05
CA ARG A 205 -1.17 11.04 4.69
C ARG A 205 -2.32 11.28 3.69
N GLN A 206 -2.01 11.85 2.53
CA GLN A 206 -3.02 12.05 1.49
C GLN A 206 -3.76 10.78 1.03
N VAL A 207 -3.02 9.67 0.91
CA VAL A 207 -3.58 8.41 0.52
C VAL A 207 -4.36 7.89 1.71
N LEU A 208 -3.86 8.09 2.93
CA LEU A 208 -4.64 7.63 4.10
C LEU A 208 -6.04 8.31 4.09
N LEU A 209 -6.04 9.62 3.84
CA LEU A 209 -7.28 10.36 3.86
C LEU A 209 -8.25 9.76 2.85
N LEU A 210 -7.75 9.49 1.64
CA LEU A 210 -8.62 8.90 0.61
C LEU A 210 -9.13 7.53 1.03
N LYS A 211 -8.31 6.73 1.70
CA LYS A 211 -8.73 5.38 2.05
C LYS A 211 -9.74 5.41 3.17
N GLN A 212 -9.64 6.41 4.06
CA GLN A 212 -10.60 6.59 5.15
C GLN A 212 -12.02 6.95 4.72
N ALA A 213 -12.15 7.39 3.47
CA ALA A 213 -13.36 8.02 3.02
C ALA A 213 -14.36 7.01 2.41
N VAL A 214 -13.87 5.86 1.94
CA VAL A 214 -14.75 4.90 1.23
C VAL A 214 -15.27 3.81 2.12
N ASN A 215 -16.16 2.99 1.58
CA ASN A 215 -16.67 1.80 2.24
C ASN A 215 -15.55 0.83 2.43
N GLU A 216 -15.80 -0.13 3.29
CA GLU A 216 -14.75 -1.01 3.75
C GLU A 216 -14.24 -1.85 2.61
N ASN A 217 -15.17 -2.30 1.78
CA ASN A 217 -14.85 -3.17 0.67
C ASN A 217 -14.06 -2.51 -0.48
N ALA A 218 -13.70 -1.24 -0.31
CA ALA A 218 -13.16 -0.45 -1.37
C ALA A 218 -11.95 0.31 -0.87
N ILE A 219 -11.48 -0.05 0.35
CA ILE A 219 -10.19 0.46 0.91
C ILE A 219 -9.06 0.38 -0.14
N ASN A 220 -8.91 -0.79 -0.75
CA ASN A 220 -8.21 -0.83 -2.05
C ASN A 220 -9.26 -0.78 -3.14
N ASN A 221 -9.17 0.22 -4.00
CA ASN A 221 -10.15 0.31 -5.07
C ASN A 221 -9.52 0.30 -6.47
N ALA A 222 -8.61 -0.67 -6.70
CA ALA A 222 -8.03 -0.86 -7.99
C ALA A 222 -8.66 -2.09 -8.63
N ARG A 223 -9.26 -1.92 -9.81
CA ARG A 223 -9.65 -3.13 -10.56
C ARG A 223 -8.36 -3.92 -10.95
N PRO A 224 -8.40 -5.27 -10.93
CA PRO A 224 -7.30 -6.07 -11.44
C PRO A 224 -6.98 -5.76 -12.91
N LEU A 225 -5.73 -5.96 -13.30
CA LEU A 225 -5.31 -5.84 -14.71
C LEU A 225 -6.14 -6.73 -15.65
N GLN A 226 -6.52 -6.24 -16.83
CA GLN A 226 -7.35 -6.99 -17.76
C GLN A 226 -6.46 -7.47 -18.91
N PRO A 227 -6.84 -8.57 -19.60
CA PRO A 227 -6.04 -8.98 -20.76
C PRO A 227 -5.93 -7.84 -21.84
N THR A 228 -4.71 -7.57 -22.26
CA THR A 228 -4.43 -6.69 -23.39
C THR A 228 -5.16 -7.13 -24.68
N ASN A 229 -5.27 -8.45 -24.92
CA ASN A 229 -5.89 -9.01 -26.08
C ASN A 229 -5.34 -8.49 -27.41
N PHE A 230 -4.01 -8.37 -27.53
CA PHE A 230 -3.38 -7.96 -28.81
C PHE A 230 -3.72 -6.53 -29.24
N ARG A 231 -4.33 -5.78 -28.34
CA ARG A 231 -4.66 -4.43 -28.76
C ARG A 231 -3.28 -3.68 -28.81
N SER A 232 -3.25 -2.66 -29.58
CA SER A 232 -2.05 -1.83 -29.67
C SER A 232 -1.96 -0.84 -28.53
N VAL A 233 -0.74 -0.47 -28.20
CA VAL A 233 -0.45 0.49 -27.15
C VAL A 233 0.60 1.41 -27.77
N PHE A 234 0.20 2.66 -27.96
CA PHE A 234 1.12 3.67 -28.57
C PHE A 234 1.87 4.39 -27.49
N TYR A 235 3.03 4.94 -27.83
CA TYR A 235 3.78 5.71 -26.86
C TYR A 235 4.33 6.90 -27.59
N PHE A 236 4.39 7.99 -26.88
CA PHE A 236 4.97 9.22 -27.41
C PHE A 236 5.93 9.73 -26.35
N GLU A 237 7.05 10.29 -26.80
CA GLU A 237 8.01 10.90 -25.93
C GLU A 237 8.77 11.92 -26.73
N GLN A 238 8.92 13.12 -26.17
CA GLN A 238 9.50 14.28 -26.85
C GLN A 238 10.99 14.15 -26.69
N LEU A 239 11.73 14.12 -27.79
CA LEU A 239 13.19 14.21 -27.70
C LEU A 239 13.65 15.66 -27.51
N LYS A 240 14.83 15.84 -26.89
CA LYS A 240 15.62 17.08 -27.06
C LYS A 240 15.85 17.38 -28.54
N SER A 241 16.18 16.31 -29.29
CA SER A 241 16.07 16.17 -30.75
C SER A 241 17.40 16.23 -31.52
N GLU B 4 12.97 11.27 18.70
CA GLU B 4 12.13 11.23 17.46
C GLU B 4 12.94 10.66 16.31
N PHE B 5 12.25 9.87 15.48
CA PHE B 5 12.82 9.31 14.25
C PHE B 5 11.72 9.13 13.22
N SER B 6 12.12 9.38 11.97
CA SER B 6 11.20 9.39 10.82
C SER B 6 11.46 8.25 9.84
N TYR B 7 10.41 7.92 9.06
CA TYR B 7 10.52 6.94 7.99
C TYR B 7 10.44 7.59 6.65
N ILE B 8 10.28 8.92 6.63
CA ILE B 8 10.36 9.65 5.39
C ILE B 8 11.82 9.64 4.92
N ASP B 9 12.04 9.02 3.76
CA ASP B 9 13.35 8.91 3.13
C ASP B 9 13.78 10.29 2.61
N GLY B 10 14.95 10.77 3.05
CA GLY B 10 15.45 12.13 2.66
C GLY B 10 15.10 13.28 3.60
N ASN B 11 14.54 12.91 4.76
CA ASN B 11 14.23 13.82 5.86
C ASN B 11 15.32 13.72 6.92
N PRO B 12 15.70 14.88 7.52
CA PRO B 12 16.79 14.94 8.49
C PRO B 12 16.71 13.76 9.44
N ASN B 13 15.49 13.47 9.91
CA ASN B 13 15.21 12.38 10.85
C ASN B 13 14.92 11.00 10.22
N GLY B 14 15.12 10.86 8.90
CA GLY B 14 14.76 9.65 8.16
C GLY B 14 15.84 8.55 8.13
N PRO B 15 15.43 7.29 7.76
CA PRO B 15 16.16 6.04 8.02
C PRO B 15 17.63 6.05 7.68
N GLU B 16 18.04 6.73 6.61
CA GLU B 16 19.45 6.77 6.22
C GLU B 16 20.32 7.62 7.18
N ASN B 17 19.69 8.23 8.20
CA ASN B 17 20.31 9.20 9.12
C ASN B 17 20.19 8.79 10.57
N TRP B 18 19.39 7.76 10.83
CA TRP B 18 19.24 7.29 12.20
C TRP B 18 20.55 7.16 12.92
N GLY B 19 21.62 6.89 12.16
CA GLY B 19 22.96 6.67 12.71
C GLY B 19 23.43 7.88 13.48
N ASN B 20 23.35 9.03 12.83
CA ASN B 20 23.88 10.28 13.32
C ASN B 20 23.05 10.96 14.42
N LEU B 21 21.73 10.74 14.44
CA LEU B 21 20.84 11.51 15.33
C LEU B 21 21.09 11.34 16.84
N LYS B 22 22.02 10.46 17.19
CA LYS B 22 22.25 10.12 18.58
C LYS B 22 23.43 9.18 18.63
N PRO B 23 24.44 9.50 19.45
CA PRO B 23 25.64 8.68 19.30
C PRO B 23 25.34 7.20 19.55
N GLU B 24 24.34 6.91 20.40
CA GLU B 24 23.92 5.55 20.71
C GLU B 24 22.84 4.97 19.75
N TRP B 25 22.70 5.64 18.61
CA TRP B 25 22.02 5.14 17.41
C TRP B 25 22.94 4.92 16.21
N GLU B 26 24.27 4.95 16.41
CA GLU B 26 25.23 4.88 15.28
C GLU B 26 25.28 3.50 14.58
N THR B 27 24.87 2.46 15.30
CA THR B 27 24.78 1.10 14.74
C THR B 27 23.85 1.03 13.50
N CYS B 28 22.68 1.69 13.57
CA CYS B 28 21.78 1.81 12.42
C CYS B 28 22.53 2.17 11.17
N GLY B 29 23.51 3.05 11.33
CA GLY B 29 24.31 3.51 10.18
C GLY B 29 25.60 2.76 9.99
N LYS B 30 26.19 2.22 11.05
CA LYS B 30 27.50 1.57 10.94
C LYS B 30 27.47 0.03 10.95
N GLY B 31 26.52 -0.57 11.67
CA GLY B 31 26.32 -2.03 11.75
C GLY B 31 26.27 -2.71 10.37
N MET B 32 26.90 -3.87 10.23
CA MET B 32 27.00 -4.54 8.93
C MET B 32 26.05 -5.77 8.92
N GLU B 33 25.36 -5.96 10.06
CA GLU B 33 24.33 -6.99 10.25
C GLU B 33 22.92 -6.45 10.51
N GLN B 34 22.53 -5.51 9.67
CA GLN B 34 21.24 -4.85 9.89
C GLN B 34 20.05 -5.62 9.27
N SER B 35 18.90 -5.44 9.94
CA SER B 35 17.56 -5.84 9.45
C SER B 35 16.67 -4.62 9.05
N PRO B 36 15.67 -4.84 8.14
CA PRO B 36 15.35 -6.04 7.39
C PRO B 36 16.28 -6.28 6.20
N ILE B 37 16.16 -7.49 5.62
CA ILE B 37 16.89 -7.86 4.41
C ILE B 37 15.99 -8.51 3.33
N GLN B 38 16.49 -8.55 2.09
CA GLN B 38 15.91 -9.40 1.03
C GLN B 38 16.07 -10.88 1.38
N LEU B 39 14.96 -11.63 1.39
CA LEU B 39 15.00 -13.09 1.43
C LEU B 39 14.89 -13.66 -0.01
N ARG B 40 16.05 -13.99 -0.65
CA ARG B 40 16.06 -14.39 -2.05
C ARG B 40 16.35 -15.92 -2.03
N ASP B 41 15.37 -16.69 -2.50
CA ASP B 41 15.50 -18.14 -2.47
C ASP B 41 16.76 -18.65 -3.20
N ASN B 42 17.19 -17.94 -4.26
CA ASN B 42 18.31 -18.43 -5.04
C ASN B 42 19.62 -18.45 -4.17
N ARG B 43 19.67 -17.67 -3.08
CA ARG B 43 20.90 -17.48 -2.27
C ARG B 43 20.89 -18.16 -0.92
N VAL B 44 19.71 -18.67 -0.55
CA VAL B 44 19.41 -19.24 0.75
C VAL B 44 20.10 -20.61 0.91
N ILE B 45 20.46 -20.96 2.13
CA ILE B 45 21.03 -22.28 2.35
C ILE B 45 20.05 -23.18 3.05
N PHE B 46 19.70 -24.27 2.37
CA PHE B 46 18.77 -25.22 2.92
C PHE B 46 19.39 -26.13 3.97
N ASP B 47 18.69 -26.26 5.11
CA ASP B 47 19.22 -26.93 6.29
C ASP B 47 18.12 -27.59 7.13
N GLN B 48 17.97 -28.90 6.97
CA GLN B 48 16.85 -29.62 7.58
C GLN B 48 16.99 -29.85 9.07
N THR B 49 18.17 -29.57 9.62
CA THR B 49 18.40 -29.81 11.04
C THR B 49 17.91 -28.66 11.90
N LEU B 50 17.41 -27.58 11.30
CA LEU B 50 16.82 -26.52 12.15
C LEU B 50 15.57 -27.02 12.85
N GLY B 51 14.86 -27.97 12.24
CA GLY B 51 13.64 -28.53 12.82
C GLY B 51 12.41 -27.61 12.68
N LYS B 52 11.23 -28.21 12.81
CA LYS B 52 9.97 -27.48 12.90
C LYS B 52 10.10 -26.51 14.05
N LEU B 53 9.69 -25.25 13.88
CA LEU B 53 9.75 -24.25 14.93
C LEU B 53 9.01 -24.76 16.19
N ARG B 54 9.64 -24.58 17.35
CA ARG B 54 9.10 -25.01 18.66
C ARG B 54 8.57 -23.81 19.43
N ARG B 55 7.25 -23.78 19.53
CA ARG B 55 6.51 -22.71 20.18
C ARG B 55 5.59 -23.34 21.20
N ASN B 56 5.55 -22.71 22.38
CA ASN B 56 4.48 -22.96 23.34
C ASN B 56 4.21 -21.61 23.91
N TYR B 57 3.13 -21.04 23.42
CA TYR B 57 2.75 -19.71 23.81
C TYR B 57 1.49 -19.92 24.61
N ARG B 58 1.24 -19.03 25.57
CA ARG B 58 0.01 -19.07 26.37
C ARG B 58 -0.76 -17.75 26.36
N ALA B 59 -2.10 -17.85 26.32
CA ALA B 59 -2.98 -16.66 26.42
C ALA B 59 -2.72 -15.93 27.75
N VAL B 60 -2.74 -14.59 27.73
CA VAL B 60 -2.35 -13.77 28.90
C VAL B 60 -2.78 -12.30 28.70
N ASP B 61 -2.56 -11.46 29.72
CA ASP B 61 -2.95 -10.05 29.67
C ASP B 61 -1.97 -9.09 29.00
N ALA B 62 -2.49 -8.20 28.14
CA ALA B 62 -1.65 -7.24 27.42
C ALA B 62 -2.07 -5.78 27.51
N ARG B 63 -1.09 -4.90 27.38
CA ARG B 63 -1.30 -3.49 27.06
C ARG B 63 -0.95 -3.21 25.60
N LEU B 64 -1.95 -2.88 24.79
CA LEU B 64 -1.71 -2.34 23.45
C LEU B 64 -1.13 -0.96 23.60
N ARG B 65 0.11 -0.78 23.18
CA ARG B 65 0.66 0.55 23.25
C ARG B 65 1.05 1.20 21.92
N ASN B 66 0.86 2.51 21.88
CA ASN B 66 1.27 3.30 20.75
C ASN B 66 2.53 4.05 21.06
N SER B 67 3.62 3.63 20.40
CA SER B 67 4.92 4.29 20.55
C SER B 67 4.96 5.52 19.72
N GLY B 68 3.92 5.73 18.92
CA GLY B 68 3.94 6.81 17.93
C GLY B 68 4.56 6.38 16.61
N HIS B 69 5.46 5.39 16.66
CA HIS B 69 6.08 4.82 15.44
C HIS B 69 5.43 3.50 15.08
N ASP B 70 4.83 2.82 16.06
CA ASP B 70 4.01 1.62 15.86
C ASP B 70 2.95 1.42 16.95
N VAL B 71 2.05 0.47 16.68
CA VAL B 71 1.20 -0.19 17.65
C VAL B 71 1.90 -1.48 18.03
N LEU B 72 1.84 -1.88 19.31
CA LEU B 72 2.42 -3.17 19.78
C LEU B 72 1.67 -3.86 20.91
N VAL B 73 1.55 -5.18 20.85
CA VAL B 73 1.09 -5.94 22.00
C VAL B 73 2.24 -6.10 23.02
N ASP B 74 2.00 -5.68 24.27
CA ASP B 74 2.90 -5.97 25.41
C ASP B 74 2.20 -6.80 26.45
N PHE B 75 2.71 -8.01 26.64
CA PHE B 75 2.12 -8.92 27.58
C PHE B 75 2.51 -8.58 29.03
N LYS B 76 1.52 -8.49 29.91
CA LYS B 76 1.77 -8.66 31.35
C LYS B 76 1.50 -10.13 31.57
N GLY B 77 2.50 -10.86 32.06
CA GLY B 77 2.34 -12.28 32.29
C GLY B 77 3.21 -13.11 31.37
N ASN B 78 2.87 -14.38 31.25
CA ASN B 78 3.68 -15.35 30.56
C ASN B 78 3.11 -15.73 29.19
N ALA B 79 3.60 -15.03 28.17
CA ALA B 79 3.20 -15.27 26.79
C ALA B 79 3.57 -16.69 26.34
N GLY B 80 4.59 -17.25 26.99
CA GLY B 80 5.11 -18.56 26.66
C GLY B 80 6.46 -18.40 25.98
N SER B 81 7.01 -19.50 25.47
CA SER B 81 8.36 -19.42 24.91
C SER B 81 8.61 -19.91 23.48
N LEU B 82 9.74 -19.46 22.96
CA LEU B 82 10.20 -19.86 21.67
C LEU B 82 11.44 -20.72 21.89
N SER B 83 11.25 -22.03 21.74
CA SER B 83 12.35 -22.96 21.91
C SER B 83 13.18 -23.03 20.61
N ILE B 84 14.38 -22.46 20.61
CA ILE B 84 15.32 -22.57 19.47
C ILE B 84 16.58 -23.36 19.84
N ASN B 85 16.61 -24.64 19.44
CA ASN B 85 17.74 -25.53 19.73
C ASN B 85 18.13 -25.49 21.23
N ARG B 86 17.20 -25.91 22.09
CA ARG B 86 17.37 -25.84 23.56
C ARG B 86 17.90 -24.48 24.05
N VAL B 87 17.07 -23.45 23.91
CA VAL B 87 17.24 -22.14 24.56
C VAL B 87 15.83 -21.53 24.60
N GLU B 88 15.48 -20.93 25.74
CA GLU B 88 14.14 -20.40 25.97
C GLU B 88 14.10 -18.93 25.64
N TYR B 89 13.15 -18.57 24.79
CA TYR B 89 12.93 -17.18 24.46
C TYR B 89 11.54 -16.82 24.89
N GLN B 90 11.48 -15.83 25.77
CA GLN B 90 10.22 -15.41 26.32
C GLN B 90 9.59 -14.43 25.37
N LEU B 91 8.39 -14.74 24.91
CA LEU B 91 7.62 -13.77 24.10
C LEU B 91 7.19 -12.58 24.92
N LYS B 92 7.68 -11.40 24.52
CA LYS B 92 7.46 -10.15 25.24
C LYS B 92 6.44 -9.26 24.51
N ARG B 93 6.86 -8.75 23.33
CA ARG B 93 6.25 -7.70 22.54
C ARG B 93 5.94 -8.22 21.10
N ILE B 94 4.77 -7.85 20.53
CA ILE B 94 4.48 -8.06 19.09
C ILE B 94 4.29 -6.71 18.43
N HIS B 95 5.22 -6.33 17.55
CA HIS B 95 5.12 -5.06 16.82
C HIS B 95 4.52 -5.21 15.46
N PHE B 96 3.77 -4.22 14.99
CA PHE B 96 3.15 -4.26 13.67
C PHE B 96 3.76 -3.24 12.71
N HIS B 97 4.15 -3.73 11.53
CA HIS B 97 4.64 -2.84 10.49
C HIS B 97 3.80 -2.98 9.20
N SER B 98 3.49 -1.87 8.52
CA SER B 98 2.86 -1.89 7.21
C SER B 98 3.54 -0.78 6.40
N PRO B 99 4.05 -1.08 5.17
CA PRO B 99 4.06 -2.41 4.52
C PRO B 99 5.06 -3.31 5.23
N SER B 100 5.33 -4.51 4.71
CA SER B 100 6.30 -5.39 5.39
C SER B 100 7.66 -4.74 5.31
N GLU B 101 8.55 -5.19 6.19
CA GLU B 101 9.94 -4.71 6.17
C GLU B 101 10.80 -5.65 5.36
N HIS B 102 10.67 -6.93 5.65
CA HIS B 102 11.24 -8.02 4.84
C HIS B 102 10.57 -8.10 3.47
N GLU B 103 11.36 -8.43 2.46
CA GLU B 103 10.84 -8.87 1.16
C GLU B 103 11.10 -10.34 0.94
N MET B 104 10.26 -11.00 0.14
CA MET B 104 10.54 -12.39 -0.23
C MET B 104 10.69 -12.50 -1.76
N ASN B 105 11.87 -12.86 -2.27
CA ASN B 105 12.08 -12.86 -3.75
C ASN B 105 11.63 -11.60 -4.44
N GLY B 106 11.92 -10.46 -3.80
CA GLY B 106 11.63 -9.19 -4.44
C GLY B 106 10.23 -8.66 -4.19
N GLU B 107 9.45 -9.39 -3.41
CA GLU B 107 8.08 -8.94 -3.20
C GLU B 107 7.88 -8.36 -1.78
N ARG B 108 7.16 -7.25 -1.68
CA ARG B 108 6.92 -6.61 -0.38
C ARG B 108 5.46 -6.90 -0.02
N PHE B 109 5.22 -7.18 1.26
CA PHE B 109 3.92 -7.61 1.70
C PHE B 109 3.17 -6.45 2.35
N ASP B 110 1.92 -6.71 2.73
CA ASP B 110 1.02 -5.63 3.21
C ASP B 110 1.16 -5.36 4.71
N LEU B 111 1.51 -6.39 5.46
CA LEU B 111 1.71 -6.22 6.87
C LEU B 111 2.82 -7.16 7.30
N GLU B 112 3.54 -6.76 8.34
CA GLU B 112 4.48 -7.66 9.02
C GLU B 112 4.31 -7.66 10.56
N ALA B 113 3.98 -8.81 11.13
CA ALA B 113 4.00 -8.89 12.60
C ALA B 113 5.36 -9.40 13.09
N GLN B 114 6.06 -8.57 13.87
CA GLN B 114 7.35 -8.96 14.55
C GLN B 114 7.22 -9.42 16.02
N LEU B 115 7.40 -10.71 16.27
CA LEU B 115 7.29 -11.27 17.63
C LEU B 115 8.66 -11.27 18.37
N VAL B 116 8.84 -10.29 19.27
CA VAL B 116 10.12 -10.10 20.03
C VAL B 116 10.15 -10.98 21.27
N HIS B 117 11.13 -11.90 21.32
CA HIS B 117 11.29 -12.84 22.44
C HIS B 117 12.63 -12.65 23.10
N GLU B 118 12.71 -12.91 24.42
CA GLU B 118 14.00 -12.91 25.19
C GLU B 118 14.32 -14.21 25.94
N SER B 119 15.61 -14.54 25.97
CA SER B 119 16.14 -15.59 26.87
C SER B 119 16.54 -14.90 28.15
N GLN B 120 16.43 -15.58 29.29
CA GLN B 120 16.87 -14.96 30.57
C GLN B 120 18.34 -14.48 30.45
N ASP B 121 19.10 -15.16 29.61
CA ASP B 121 20.43 -14.74 29.21
C ASP B 121 20.49 -13.34 28.51
N GLN B 122 19.33 -12.70 28.29
CA GLN B 122 19.21 -11.38 27.59
C GLN B 122 19.39 -11.47 26.04
N LYS B 123 19.24 -12.67 25.49
CA LYS B 123 19.43 -12.87 24.05
C LYS B 123 18.10 -12.71 23.33
N ARG B 124 18.09 -11.96 22.24
CA ARG B 124 16.82 -11.64 21.54
C ARG B 124 16.56 -12.43 20.23
N ALA B 125 15.39 -13.06 20.15
CA ALA B 125 14.96 -13.78 18.96
C ALA B 125 13.61 -13.25 18.44
N VAL B 126 13.59 -12.87 17.17
CA VAL B 126 12.38 -12.34 16.53
C VAL B 126 11.79 -13.34 15.56
N VAL B 127 10.50 -13.66 15.72
CA VAL B 127 9.74 -14.46 14.74
C VAL B 127 8.76 -13.53 14.03
N SER B 128 8.81 -13.58 12.68
CA SER B 128 8.27 -12.56 11.80
C SER B 128 7.19 -13.23 10.91
N ILE B 129 6.02 -12.60 10.80
CA ILE B 129 4.91 -13.18 10.06
C ILE B 129 4.68 -12.20 8.95
N LEU B 130 4.54 -12.67 7.71
CA LEU B 130 4.18 -11.81 6.57
C LEU B 130 2.71 -11.99 6.19
N PHE B 131 2.04 -10.90 5.78
CA PHE B 131 0.60 -10.93 5.50
C PHE B 131 0.31 -10.37 4.11
N ARG B 132 -0.70 -10.94 3.43
CA ARG B 132 -1.22 -10.36 2.17
C ARG B 132 -2.70 -9.96 2.41
N PHE B 133 -3.22 -8.96 1.67
CA PHE B 133 -4.63 -8.56 1.87
C PHE B 133 -5.51 -9.76 1.57
N GLY B 134 -6.54 -9.98 2.43
CA GLY B 134 -7.49 -11.05 2.27
C GLY B 134 -8.41 -11.15 3.48
N ARG B 135 -8.79 -12.37 3.82
CA ARG B 135 -9.52 -12.61 5.06
C ARG B 135 -8.88 -11.98 6.31
N ALA B 136 -9.72 -11.39 7.16
CA ALA B 136 -9.26 -10.74 8.37
C ALA B 136 -8.41 -11.70 9.20
N ASP B 137 -7.42 -11.15 9.90
CA ASP B 137 -6.54 -11.93 10.81
C ASP B 137 -7.24 -12.10 12.16
N PRO B 138 -7.53 -13.34 12.58
CA PRO B 138 -8.16 -13.61 13.87
C PRO B 138 -7.44 -12.93 15.05
N PHE B 139 -6.11 -12.88 15.08
CA PHE B 139 -5.43 -12.26 16.23
C PHE B 139 -5.83 -10.77 16.26
N LEU B 140 -5.60 -10.05 15.15
CA LEU B 140 -5.99 -8.65 15.01
C LEU B 140 -7.52 -8.38 15.16
N SER B 141 -8.38 -9.32 14.78
CA SER B 141 -9.84 -9.18 15.00
C SER B 141 -10.04 -8.76 16.45
N ASP B 142 -9.50 -9.57 17.36
CA ASP B 142 -9.68 -9.34 18.79
C ASP B 142 -9.31 -7.91 19.17
N LEU B 143 -8.29 -7.36 18.52
CA LEU B 143 -7.72 -6.10 18.98
C LEU B 143 -8.27 -4.79 18.39
N GLU B 144 -9.21 -4.87 17.45
CA GLU B 144 -9.60 -3.69 16.64
C GLU B 144 -10.15 -2.49 17.43
N ASP B 145 -11.13 -2.78 18.31
CA ASP B 145 -11.77 -1.74 19.12
C ASP B 145 -10.74 -1.00 19.93
N PHE B 146 -9.80 -1.75 20.48
CA PHE B 146 -8.65 -1.20 21.18
C PHE B 146 -7.72 -0.32 20.28
N ILE B 147 -7.40 -0.77 19.06
CA ILE B 147 -6.60 0.03 18.08
C ILE B 147 -7.35 1.29 17.61
N LYS B 148 -8.66 1.16 17.39
CA LYS B 148 -9.52 2.31 17.04
C LYS B 148 -9.33 3.51 17.99
N GLN B 149 -9.19 3.23 19.27
CA GLN B 149 -9.03 4.28 20.28
C GLN B 149 -7.69 5.07 20.23
N PHE B 150 -6.70 4.56 19.50
CA PHE B 150 -5.49 5.34 19.28
C PHE B 150 -5.78 6.45 18.30
N SER B 151 -6.73 6.21 17.42
CA SER B 151 -6.88 7.00 16.20
C SER B 151 -6.71 8.51 16.41
N ASN B 152 -7.73 9.15 16.97
CA ASN B 152 -7.77 10.60 17.12
C ASN B 152 -7.19 11.04 18.46
N SER B 153 -6.80 10.05 19.28
CA SER B 153 -6.51 10.22 20.70
C SER B 153 -5.06 10.62 20.99
N GLN B 154 -4.68 10.51 22.26
CA GLN B 154 -3.30 10.63 22.71
C GLN B 154 -3.02 9.49 23.67
N LYS B 155 -4.04 8.65 23.83
CA LYS B 155 -3.89 7.34 24.43
C LYS B 155 -2.67 6.66 23.81
N ASN B 156 -1.79 6.11 24.65
CA ASN B 156 -0.64 5.36 24.17
C ASN B 156 -0.50 4.02 24.87
N GLU B 157 -1.49 3.71 25.70
CA GLU B 157 -1.58 2.43 26.35
C GLU B 157 -3.06 2.14 26.54
N ILE B 158 -3.43 0.87 26.53
CA ILE B 158 -4.82 0.47 26.72
C ILE B 158 -4.82 -0.95 27.23
N ASN B 159 -5.40 -1.18 28.40
CA ASN B 159 -5.61 -2.55 28.86
C ASN B 159 -6.40 -3.32 27.80
N ALA B 160 -5.97 -4.55 27.50
CA ALA B 160 -6.51 -5.28 26.35
C ALA B 160 -7.01 -6.67 26.69
N GLY B 161 -6.83 -7.10 27.95
CA GLY B 161 -7.42 -8.35 28.43
C GLY B 161 -6.57 -9.59 28.16
N VAL B 162 -7.23 -10.71 27.88
CA VAL B 162 -6.51 -11.97 27.66
C VAL B 162 -6.18 -12.22 26.18
N VAL B 163 -5.20 -11.43 25.72
CA VAL B 163 -4.54 -11.50 24.39
C VAL B 163 -3.85 -12.86 24.15
N ASP B 164 -4.47 -13.67 23.31
CA ASP B 164 -4.10 -15.06 23.02
C ASP B 164 -3.14 -15.22 21.78
N PRO B 165 -1.86 -15.57 21.99
CA PRO B 165 -0.98 -15.83 20.82
C PRO B 165 -1.21 -17.14 20.03
N ASN B 166 -1.96 -18.08 20.57
CA ASN B 166 -2.43 -19.25 19.78
C ASN B 166 -3.22 -18.83 18.52
N GLN B 167 -3.58 -17.55 18.45
CA GLN B 167 -4.39 -16.94 17.38
C GLN B 167 -3.56 -16.45 16.18
N LEU B 168 -2.30 -16.16 16.43
CA LEU B 168 -1.37 -15.76 15.40
C LEU B 168 -1.37 -16.77 14.23
N GLN B 169 -1.32 -16.27 13.00
CA GLN B 169 -1.23 -17.14 11.85
C GLN B 169 0.20 -17.62 11.67
N ILE B 170 0.61 -18.70 12.33
CA ILE B 170 2.00 -19.18 12.26
C ILE B 170 1.97 -20.63 11.92
N ASP B 171 2.71 -20.99 10.88
CA ASP B 171 2.85 -22.39 10.48
C ASP B 171 4.33 -22.78 10.62
N ASP B 172 4.63 -23.57 11.65
CA ASP B 172 6.00 -23.88 12.08
C ASP B 172 6.82 -24.74 11.10
N SER B 173 6.18 -25.23 10.04
CA SER B 173 6.92 -26.16 9.19
C SER B 173 7.86 -25.55 8.09
N ALA B 174 7.87 -24.22 7.92
CA ALA B 174 8.80 -23.58 6.90
C ALA B 174 9.24 -22.19 7.29
N TYR B 175 10.53 -21.88 7.28
CA TYR B 175 10.95 -20.52 7.60
C TYR B 175 12.37 -20.14 7.21
N TYR B 176 12.61 -18.85 7.09
CA TYR B 176 13.99 -18.35 6.89
C TYR B 176 14.67 -18.04 8.23
N ARG B 177 16.00 -18.12 8.28
CA ARG B 177 16.74 -17.97 9.57
C ARG B 177 18.07 -17.29 9.31
N TYR B 178 18.24 -16.11 9.90
CA TYR B 178 19.45 -15.33 9.78
C TYR B 178 19.67 -14.39 10.98
N MET B 179 20.83 -13.75 11.00
CA MET B 179 21.26 -12.89 12.09
C MET B 179 21.21 -11.47 11.63
N GLY B 180 20.49 -10.67 12.42
CA GLY B 180 20.26 -9.26 12.09
C GLY B 180 20.02 -8.47 13.34
N SER B 181 19.31 -7.35 13.16
CA SER B 181 19.11 -6.32 14.18
C SER B 181 17.65 -5.96 14.38
N PHE B 182 17.37 -5.12 15.38
CA PHE B 182 16.07 -4.46 15.45
C PHE B 182 15.89 -3.55 14.26
N THR B 183 14.64 -3.39 13.83
CA THR B 183 14.34 -2.58 12.62
C THR B 183 14.12 -1.07 12.91
N ALA B 184 14.15 -0.73 14.19
CA ALA B 184 14.11 0.66 14.61
C ALA B 184 15.17 0.90 15.71
N PRO B 185 15.66 2.15 15.82
CA PRO B 185 16.66 2.49 16.85
C PRO B 185 16.46 1.78 18.19
N PRO B 186 17.57 1.38 18.85
CA PRO B 186 18.92 1.68 18.41
C PRO B 186 19.47 0.73 17.32
N CYS B 187 18.65 -0.21 16.83
CA CYS B 187 19.09 -1.12 15.75
C CYS B 187 20.18 -2.09 16.27
N THR B 188 19.96 -2.60 17.48
CA THR B 188 20.90 -3.45 18.19
C THR B 188 21.05 -4.80 17.44
N GLU B 189 22.30 -5.26 17.20
CA GLU B 189 22.53 -6.56 16.54
C GLU B 189 22.54 -7.75 17.50
N GLY B 190 22.90 -8.94 17.00
CA GLY B 190 22.85 -10.13 17.85
C GLY B 190 21.48 -10.77 17.80
N ILE B 191 20.65 -10.30 16.88
CA ILE B 191 19.29 -10.76 16.89
C ILE B 191 19.09 -11.89 15.91
N SER B 192 18.50 -12.94 16.46
CA SER B 192 18.17 -14.07 15.68
C SER B 192 16.81 -13.78 15.04
N TRP B 193 16.75 -13.90 13.70
CA TRP B 193 15.46 -13.74 12.97
C TRP B 193 14.97 -15.02 12.35
N THR B 194 13.69 -15.30 12.53
CA THR B 194 13.00 -16.38 11.87
C THR B 194 11.82 -15.71 11.13
N VAL B 195 11.78 -15.79 9.80
CA VAL B 195 10.67 -15.28 8.95
C VAL B 195 9.85 -16.46 8.38
N MET B 196 8.59 -16.58 8.74
CA MET B 196 7.86 -17.73 8.30
C MET B 196 7.65 -17.58 6.82
N ARG B 197 7.60 -18.73 6.16
CA ARG B 197 7.42 -18.79 4.73
C ARG B 197 5.91 -18.60 4.35
N LYS B 198 5.02 -19.34 5.00
CA LYS B 198 3.53 -19.20 4.78
C LYS B 198 3.08 -17.77 5.04
N VAL B 199 2.42 -17.20 4.03
CA VAL B 199 1.96 -15.84 4.07
C VAL B 199 0.54 -15.83 4.65
N ALA B 200 0.33 -15.03 5.69
CA ALA B 200 -0.93 -14.95 6.40
C ALA B 200 -1.80 -13.98 5.65
N THR B 201 -3.11 -13.93 5.96
CA THR B 201 -3.95 -12.83 5.44
C THR B 201 -4.34 -11.87 6.53
N VAL B 202 -4.45 -10.60 6.12
CA VAL B 202 -4.96 -9.53 6.95
C VAL B 202 -6.01 -8.77 6.15
N SER B 203 -7.02 -8.17 6.78
CA SER B 203 -8.04 -7.40 6.02
C SER B 203 -7.56 -5.97 5.83
N PRO B 204 -7.95 -5.32 4.73
CA PRO B 204 -7.61 -3.88 4.50
C PRO B 204 -8.06 -2.93 5.62
N ARG B 205 -9.24 -3.19 6.17
CA ARG B 205 -9.68 -2.48 7.40
C ARG B 205 -8.62 -2.56 8.54
N GLN B 206 -8.03 -3.72 8.72
CA GLN B 206 -7.16 -3.90 9.90
C GLN B 206 -5.90 -3.06 9.75
N VAL B 207 -5.36 -3.02 8.53
CA VAL B 207 -4.19 -2.19 8.20
C VAL B 207 -4.47 -0.70 8.28
N LEU B 208 -5.67 -0.32 7.84
CA LEU B 208 -6.13 1.05 7.93
C LEU B 208 -6.22 1.45 9.41
N LEU B 209 -6.83 0.62 10.25
CA LEU B 209 -6.85 0.94 11.72
C LEU B 209 -5.46 1.18 12.29
N LEU B 210 -4.53 0.26 11.99
CA LEU B 210 -3.12 0.39 12.38
C LEU B 210 -2.41 1.65 11.85
N LYS B 211 -2.57 1.95 10.56
CA LYS B 211 -1.95 3.14 9.95
C LYS B 211 -2.53 4.44 10.49
N GLN B 212 -3.81 4.44 10.85
CA GLN B 212 -4.42 5.65 11.41
C GLN B 212 -4.14 5.85 12.93
N ALA B 213 -3.77 4.75 13.61
CA ALA B 213 -3.38 4.76 15.02
C ALA B 213 -2.11 5.55 15.30
N VAL B 214 -1.35 5.79 14.25
CA VAL B 214 0.05 6.02 14.37
C VAL B 214 0.35 7.44 13.95
N ASN B 215 1.54 7.90 14.26
CA ASN B 215 2.02 9.19 13.81
C ASN B 215 2.23 9.25 12.33
N GLU B 216 2.35 10.48 11.83
CA GLU B 216 2.26 10.82 10.43
C GLU B 216 3.48 10.34 9.64
N ASN B 217 4.66 10.48 10.23
CA ASN B 217 5.87 10.14 9.51
C ASN B 217 6.10 8.63 9.61
N ALA B 218 5.06 7.97 10.10
CA ALA B 218 5.09 6.57 10.38
C ALA B 218 3.87 5.85 9.78
N ILE B 219 3.05 6.55 8.99
CA ILE B 219 1.93 5.89 8.22
C ILE B 219 2.48 4.66 7.47
N ASN B 220 3.59 4.87 6.77
CA ASN B 220 4.50 3.79 6.37
C ASN B 220 5.63 3.57 7.37
N ASN B 221 5.59 2.48 8.14
CA ASN B 221 6.62 2.27 9.18
C ASN B 221 7.60 1.08 8.95
N ALA B 222 7.99 0.86 7.68
CA ALA B 222 8.95 -0.16 7.24
C ALA B 222 10.32 0.49 7.00
N ARG B 223 11.34 0.02 7.70
CA ARG B 223 12.70 0.45 7.46
C ARG B 223 13.11 -0.09 6.10
N PRO B 224 13.76 0.71 5.24
CA PRO B 224 14.28 0.17 3.95
C PRO B 224 15.16 -1.06 4.11
N LEU B 225 15.28 -1.82 3.02
CA LEU B 225 16.08 -3.07 3.03
C LEU B 225 17.56 -2.73 3.31
N GLN B 226 18.21 -3.50 4.18
CA GLN B 226 19.61 -3.30 4.56
C GLN B 226 20.52 -4.28 3.81
N PRO B 227 21.82 -3.93 3.60
CA PRO B 227 22.62 -4.90 2.86
C PRO B 227 22.76 -6.23 3.59
N THR B 228 22.79 -7.30 2.81
CA THR B 228 23.12 -8.65 3.35
C THR B 228 24.59 -8.74 3.91
N ASN B 229 25.56 -8.06 3.30
CA ASN B 229 26.98 -8.08 3.78
C ASN B 229 27.49 -9.38 4.35
N PHE B 230 27.86 -10.34 3.54
CA PHE B 230 28.63 -11.38 4.15
C PHE B 230 27.79 -12.34 5.04
N ARG B 231 26.53 -12.02 5.36
CA ARG B 231 25.76 -13.04 6.12
C ARG B 231 25.20 -14.10 5.18
N SER B 232 24.98 -15.27 5.70
CA SER B 232 24.23 -16.24 4.92
C SER B 232 22.81 -16.36 5.54
N VAL B 233 21.84 -16.78 4.73
CA VAL B 233 20.45 -16.93 5.17
C VAL B 233 20.14 -18.40 5.04
N PHE B 234 19.64 -18.97 6.12
CA PHE B 234 19.27 -20.40 6.07
C PHE B 234 17.79 -20.56 5.83
N TYR B 235 17.37 -21.76 5.43
CA TYR B 235 15.97 -22.00 5.10
C TYR B 235 15.69 -23.40 5.55
N PHE B 236 14.65 -23.56 6.35
CA PHE B 236 14.15 -24.87 6.73
C PHE B 236 12.77 -25.08 6.16
N GLU B 237 12.52 -26.29 5.68
CA GLU B 237 11.17 -26.72 5.40
C GLU B 237 11.10 -28.20 5.77
N GLN B 238 9.98 -28.59 6.36
CA GLN B 238 9.71 -30.00 6.70
C GLN B 238 9.47 -30.91 5.50
N LEU B 239 10.30 -31.95 5.32
CA LEU B 239 10.33 -32.77 4.07
C LEU B 239 9.68 -34.15 4.21
#